data_1LWX
#
_entry.id   1LWX
#
_cell.length_a   71.590
_cell.length_b   71.590
_cell.length_c   152.700
_cell.angle_alpha   90.00
_cell.angle_beta   90.00
_cell.angle_gamma   120.00
#
_symmetry.space_group_name_H-M   'P 31 2 1'
#
loop_
_entity.id
_entity.type
_entity.pdbx_description
1 polymer 'NUCLEOSIDE DIPHOSPHATE KINASE'
2 non-polymer 'MAGNESIUM ION'
3 non-polymer "3'-AZIDO-3'-DEOXYTHYMIDINE-5'-DIPHOSPHATE"
4 water water
#
_entity_poly.entity_id   1
_entity_poly.type   'polypeptide(L)'
_entity_poly.pdbx_seq_one_letter_code
;MSTNKVNKERTFLAVKPDGVARGLVGEIIARYEKKGFVLVGLKQLVPTKDLAESHYAEHKERPFFGGLVSFITSGPVVAM
VFEGKGVVASARLMIGVTNPLASAPGSIRGDFGVDVGRAIIHGSDSVESANREIALWFKPEELLTEVKPNPNLYE
;
_entity_poly.pdbx_strand_id   A,B,C
#
loop_
_chem_comp.id
_chem_comp.type
_chem_comp.name
_chem_comp.formula
AZD non-polymer 3'-AZIDO-3'-DEOXYTHYMIDINE-5'-DIPHOSPHATE 'C10 H15 N5 O10 P2'
MG non-polymer 'MAGNESIUM ION' 'Mg 2'
#
# COMPACT_ATOMS: atom_id res chain seq x y z
N VAL A 6 22.11 18.94 -5.73
CA VAL A 6 21.19 20.08 -5.42
C VAL A 6 19.74 19.58 -5.33
N ASN A 7 19.58 18.61 -4.43
CA ASN A 7 18.31 17.91 -4.13
C ASN A 7 17.60 18.58 -2.93
N LYS A 8 17.46 19.90 -3.04
CA LYS A 8 16.82 20.70 -2.03
C LYS A 8 15.45 21.10 -2.53
N GLU A 9 14.78 20.17 -3.18
CA GLU A 9 13.46 20.47 -3.64
C GLU A 9 12.52 20.40 -2.44
N ARG A 10 11.51 21.26 -2.44
CA ARG A 10 10.58 21.30 -1.35
C ARG A 10 9.13 21.27 -1.81
N THR A 11 8.22 20.91 -0.91
CA THR A 11 6.81 20.88 -1.25
C THR A 11 6.04 21.32 -0.04
N PHE A 12 4.80 21.73 -0.23
CA PHE A 12 3.98 22.17 0.86
C PHE A 12 2.85 21.17 0.92
N LEU A 13 2.66 20.54 2.07
CA LEU A 13 1.58 19.58 2.25
C LEU A 13 0.76 20.12 3.40
N ALA A 14 -0.53 19.86 3.42
CA ALA A 14 -1.33 20.35 4.51
C ALA A 14 -2.39 19.34 4.86
N VAL A 15 -2.44 18.99 6.14
CA VAL A 15 -3.42 18.06 6.63
C VAL A 15 -4.59 18.99 6.95
N LYS A 16 -5.75 18.72 6.36
CA LYS A 16 -6.88 19.61 6.56
C LYS A 16 -7.73 19.20 7.73
N PRO A 17 -8.65 20.09 8.18
CA PRO A 17 -9.51 19.82 9.34
C PRO A 17 -10.18 18.46 9.51
N ASP A 18 -10.37 17.74 8.41
CA ASP A 18 -10.98 16.42 8.47
C ASP A 18 -9.86 15.46 8.77
N GLY A 19 -8.69 15.69 8.17
CA GLY A 19 -7.55 14.85 8.41
C GLY A 19 -7.09 15.07 9.83
N VAL A 20 -7.27 16.29 10.31
CA VAL A 20 -6.87 16.62 11.67
C VAL A 20 -7.83 15.98 12.67
N ALA A 21 -9.12 16.19 12.48
CA ALA A 21 -10.11 15.62 13.38
C ALA A 21 -10.23 14.11 13.34
N ARG A 22 -9.74 13.47 12.27
CA ARG A 22 -9.78 12.00 12.19
C ARG A 22 -8.57 11.34 12.90
N GLY A 23 -7.71 12.15 13.54
CA GLY A 23 -6.55 11.64 14.25
C GLY A 23 -5.57 11.08 13.27
N LEU A 24 -5.42 11.79 12.15
CA LEU A 24 -4.53 11.37 11.08
C LEU A 24 -3.20 12.13 10.88
N VAL A 25 -2.88 13.10 11.71
CA VAL A 25 -1.63 13.85 11.51
C VAL A 25 -0.34 13.02 11.54
N GLY A 26 -0.20 12.13 12.51
CA GLY A 26 1.01 11.35 12.65
C GLY A 26 1.22 10.31 11.57
N GLU A 27 0.14 9.68 11.13
CA GLU A 27 0.22 8.70 10.09
C GLU A 27 0.75 9.34 8.83
N ILE A 28 0.29 10.53 8.51
CA ILE A 28 0.75 11.19 7.30
C ILE A 28 2.21 11.63 7.41
N ILE A 29 2.60 12.29 8.51
CA ILE A 29 4.00 12.70 8.66
C ILE A 29 4.93 11.49 8.52
N ALA A 30 4.60 10.40 9.21
CA ALA A 30 5.42 9.18 9.16
C ALA A 30 5.59 8.57 7.77
N ARG A 31 4.59 8.70 6.90
CA ARG A 31 4.69 8.15 5.55
C ARG A 31 5.81 8.88 4.86
N TYR A 32 5.89 10.17 5.09
CA TYR A 32 6.94 10.95 4.47
C TYR A 32 8.29 10.79 5.11
N GLU A 33 8.34 10.68 6.44
CA GLU A 33 9.61 10.45 7.15
C GLU A 33 10.16 9.10 6.79
N LYS A 34 9.28 8.15 6.55
CA LYS A 34 9.72 6.82 6.20
C LYS A 34 10.35 6.76 4.82
N LYS A 35 9.86 7.62 3.93
CA LYS A 35 10.28 7.72 2.54
C LYS A 35 11.68 8.33 2.40
N GLY A 36 12.00 9.27 3.29
CA GLY A 36 13.33 9.85 3.25
C GLY A 36 13.34 11.34 3.28
N PHE A 37 12.15 11.92 3.18
CA PHE A 37 11.98 13.35 3.18
C PHE A 37 12.19 14.06 4.52
N VAL A 38 12.84 15.21 4.44
CA VAL A 38 13.13 15.96 5.63
C VAL A 38 12.14 17.07 5.85
N LEU A 39 11.68 17.15 7.07
CA LEU A 39 10.71 18.14 7.45
C LEU A 39 11.53 19.41 7.69
N VAL A 40 11.21 20.48 6.96
CA VAL A 40 11.95 21.72 7.15
C VAL A 40 11.07 22.77 7.77
N GLY A 41 9.78 22.48 7.93
CA GLY A 41 8.88 23.46 8.52
C GLY A 41 7.65 22.74 8.99
N LEU A 42 7.03 23.17 10.09
CA LEU A 42 5.82 22.53 10.63
C LEU A 42 5.15 23.36 11.70
N LYS A 43 3.84 23.57 11.56
CA LYS A 43 3.05 24.33 12.52
C LYS A 43 1.55 23.96 12.38
N GLN A 44 0.74 24.34 13.36
CA GLN A 44 -0.69 24.11 13.33
C GLN A 44 -1.30 25.49 13.42
N LEU A 45 -2.40 25.70 12.69
CA LEU A 45 -3.11 26.98 12.71
C LEU A 45 -4.51 26.79 12.17
N VAL A 46 -5.35 27.78 12.41
CA VAL A 46 -6.70 27.75 11.92
C VAL A 46 -6.58 28.75 10.82
N PRO A 47 -6.67 28.29 9.56
CA PRO A 47 -6.56 29.16 8.39
C PRO A 47 -7.57 30.31 8.36
N THR A 48 -7.11 31.45 7.87
CA THR A 48 -7.96 32.65 7.76
C THR A 48 -8.59 32.71 6.35
N LYS A 49 -9.78 33.30 6.24
CA LYS A 49 -10.50 33.43 4.96
C LYS A 49 -9.58 33.89 3.85
N ASP A 50 -8.75 34.88 4.14
CA ASP A 50 -7.82 35.43 3.16
C ASP A 50 -6.65 34.51 2.73
N LEU A 51 -6.31 33.52 3.54
CA LEU A 51 -5.22 32.61 3.19
C LEU A 51 -5.87 31.46 2.45
N ALA A 52 -7.07 31.14 2.88
CA ALA A 52 -7.86 30.07 2.30
C ALA A 52 -8.13 30.40 0.84
N GLU A 53 -8.51 31.65 0.56
CA GLU A 53 -8.80 32.13 -0.79
C GLU A 53 -7.56 32.31 -1.67
N SER A 54 -6.44 32.72 -1.08
CA SER A 54 -5.22 32.87 -1.88
C SER A 54 -4.79 31.47 -2.22
N HIS A 55 -4.60 30.68 -1.16
CA HIS A 55 -4.16 29.31 -1.29
C HIS A 55 -4.84 28.59 -2.44
N TYR A 56 -6.16 28.61 -2.43
CA TYR A 56 -6.93 27.94 -3.45
C TYR A 56 -7.48 28.94 -4.52
N ALA A 57 -6.64 29.92 -4.91
CA ALA A 57 -7.02 30.97 -5.88
C ALA A 57 -7.51 30.47 -7.24
N GLU A 58 -6.88 29.41 -7.72
CA GLU A 58 -7.20 28.76 -9.00
C GLU A 58 -8.63 28.22 -9.09
N HIS A 59 -9.30 28.05 -7.95
CA HIS A 59 -10.66 27.51 -7.95
C HIS A 59 -11.68 28.58 -7.53
N LYS A 60 -11.28 29.85 -7.58
CA LYS A 60 -12.13 30.97 -7.18
C LYS A 60 -13.52 30.98 -7.83
N GLU A 61 -13.56 30.58 -9.09
CA GLU A 61 -14.81 30.58 -9.83
C GLU A 61 -15.52 29.23 -9.85
N ARG A 62 -14.80 28.13 -9.55
CA ARG A 62 -15.42 26.82 -9.59
C ARG A 62 -16.52 26.76 -8.53
N PRO A 63 -17.58 25.98 -8.79
CA PRO A 63 -18.72 25.85 -7.85
C PRO A 63 -18.40 25.55 -6.39
N PHE A 64 -17.70 24.45 -6.17
CA PHE A 64 -17.31 23.98 -4.84
C PHE A 64 -16.42 24.93 -4.04
N PHE A 65 -15.88 25.97 -4.66
CA PHE A 65 -15.00 26.92 -3.99
C PHE A 65 -15.52 27.43 -2.65
N GLY A 66 -16.71 28.01 -2.68
CA GLY A 66 -17.30 28.51 -1.46
C GLY A 66 -17.30 27.37 -0.46
N GLY A 67 -17.76 26.20 -0.88
CA GLY A 67 -17.81 25.05 0.01
C GLY A 67 -16.47 24.61 0.56
N LEU A 68 -15.41 24.81 -0.23
CA LEU A 68 -14.05 24.43 0.16
C LEU A 68 -13.46 25.41 1.18
N VAL A 69 -13.51 26.69 0.83
CA VAL A 69 -13.01 27.74 1.69
C VAL A 69 -13.70 27.72 3.06
N SER A 70 -15.01 27.48 3.10
CA SER A 70 -15.76 27.42 4.37
C SER A 70 -15.22 26.29 5.24
N PHE A 71 -14.77 25.24 4.58
CA PHE A 71 -14.26 24.07 5.27
C PHE A 71 -12.81 24.22 5.78
N ILE A 72 -11.88 24.57 4.90
CA ILE A 72 -10.49 24.70 5.30
C ILE A 72 -10.29 25.75 6.41
N THR A 73 -11.34 26.45 6.78
CA THR A 73 -11.21 27.42 7.84
C THR A 73 -12.17 27.09 8.98
N SER A 74 -12.89 25.99 8.87
CA SER A 74 -13.79 25.62 9.96
C SER A 74 -12.98 24.97 11.11
N GLY A 75 -11.66 24.86 10.91
CA GLY A 75 -10.84 24.25 11.93
C GLY A 75 -9.37 24.24 11.68
N PRO A 76 -8.62 23.60 12.59
CA PRO A 76 -7.16 23.47 12.51
C PRO A 76 -6.63 22.68 11.33
N VAL A 77 -5.55 23.16 10.75
CA VAL A 77 -4.90 22.57 9.62
C VAL A 77 -3.46 22.44 10.10
N VAL A 78 -2.77 21.36 9.75
CA VAL A 78 -1.38 21.31 10.14
C VAL A 78 -0.62 21.36 8.83
N ALA A 79 0.04 22.50 8.64
CA ALA A 79 0.81 22.84 7.46
C ALA A 79 2.23 22.37 7.63
N MET A 80 2.82 21.85 6.57
CA MET A 80 4.18 21.35 6.64
C MET A 80 4.84 21.39 5.28
N VAL A 81 6.18 21.46 5.26
CA VAL A 81 6.95 21.48 4.02
C VAL A 81 8.13 20.49 4.09
N PHE A 82 8.09 19.49 3.23
CA PHE A 82 9.12 18.47 3.16
C PHE A 82 10.11 18.78 2.06
N GLU A 83 11.32 18.26 2.19
CA GLU A 83 12.35 18.50 1.21
C GLU A 83 12.95 17.19 0.86
N GLY A 84 13.53 17.12 -0.33
CA GLY A 84 14.15 15.91 -0.82
C GLY A 84 13.97 15.88 -2.32
N LYS A 85 14.77 15.08 -2.99
CA LYS A 85 14.72 14.90 -4.43
C LYS A 85 13.33 14.50 -4.92
N GLY A 86 12.84 15.20 -5.92
CA GLY A 86 11.54 14.87 -6.47
C GLY A 86 10.40 14.87 -5.46
N VAL A 87 10.59 15.48 -4.29
CA VAL A 87 9.56 15.51 -3.24
C VAL A 87 8.20 15.96 -3.70
N VAL A 88 8.15 16.83 -4.69
CA VAL A 88 6.85 17.31 -5.18
C VAL A 88 5.99 16.25 -5.90
N ALA A 89 6.57 15.57 -6.88
CA ALA A 89 5.85 14.55 -7.64
C ALA A 89 5.64 13.26 -6.84
N SER A 90 6.57 12.99 -5.94
CA SER A 90 6.48 11.83 -5.09
C SER A 90 5.36 11.99 -4.05
N ALA A 91 5.30 13.16 -3.43
CA ALA A 91 4.31 13.47 -2.42
C ALA A 91 2.93 13.43 -2.99
N ARG A 92 2.82 13.77 -4.27
CA ARG A 92 1.56 13.77 -4.99
C ARG A 92 1.14 12.35 -5.26
N LEU A 93 2.11 11.56 -5.67
CA LEU A 93 1.93 10.17 -5.91
C LEU A 93 1.45 9.51 -4.60
N MET A 94 2.10 9.84 -3.48
CA MET A 94 1.75 9.23 -2.21
C MET A 94 0.39 9.64 -1.69
N ILE A 95 -0.08 10.79 -2.09
CA ILE A 95 -1.38 11.28 -1.69
C ILE A 95 -2.52 10.59 -2.45
N GLY A 96 -2.28 10.32 -3.74
CA GLY A 96 -3.27 9.67 -4.58
C GLY A 96 -3.78 10.66 -5.62
N VAL A 97 -5.05 10.53 -6.03
CA VAL A 97 -5.62 11.48 -7.00
C VAL A 97 -6.73 12.31 -6.33
N THR A 98 -7.40 13.16 -7.11
CA THR A 98 -8.47 14.06 -6.63
C THR A 98 -9.71 13.38 -6.02
N ASN A 99 -10.16 12.30 -6.63
CA ASN A 99 -11.31 11.56 -6.09
C ASN A 99 -10.66 10.49 -5.25
N PRO A 100 -10.97 10.44 -3.93
CA PRO A 100 -10.39 9.43 -3.04
C PRO A 100 -10.87 8.00 -3.33
N LEU A 101 -12.04 7.87 -3.95
CA LEU A 101 -12.54 6.57 -4.30
C LEU A 101 -11.78 5.97 -5.47
N ALA A 102 -11.05 6.80 -6.20
CA ALA A 102 -10.31 6.28 -7.35
C ALA A 102 -8.83 6.22 -7.07
N SER A 103 -8.46 6.39 -5.80
CA SER A 103 -7.04 6.37 -5.39
C SER A 103 -6.66 4.95 -5.07
N ALA A 104 -5.51 4.50 -5.57
CA ALA A 104 -5.05 3.15 -5.32
C ALA A 104 -4.80 2.89 -3.85
N PRO A 105 -5.11 1.68 -3.37
CA PRO A 105 -4.86 1.38 -1.96
C PRO A 105 -3.36 1.58 -1.72
N GLY A 106 -2.98 2.22 -0.61
CA GLY A 106 -1.57 2.44 -0.34
C GLY A 106 -1.22 3.92 -0.36
N SER A 107 -2.09 4.74 -0.93
CA SER A 107 -1.84 6.16 -1.00
C SER A 107 -2.63 6.76 0.16
N ILE A 108 -2.29 7.95 0.62
CA ILE A 108 -3.03 8.54 1.74
C ILE A 108 -4.53 8.57 1.44
N ARG A 109 -4.95 9.24 0.39
CA ARG A 109 -6.38 9.27 0.07
C ARG A 109 -6.95 7.88 -0.24
N GLY A 110 -6.15 7.02 -0.83
CA GLY A 110 -6.63 5.69 -1.17
C GLY A 110 -6.97 4.86 0.04
N ASP A 111 -6.27 5.07 1.14
CA ASP A 111 -6.54 4.30 2.34
C ASP A 111 -7.52 4.97 3.29
N PHE A 112 -7.72 6.28 3.16
CA PHE A 112 -8.58 6.96 4.13
C PHE A 112 -9.72 7.84 3.70
N GLY A 113 -9.82 8.18 2.42
CA GLY A 113 -10.90 9.07 2.00
C GLY A 113 -11.95 8.44 1.14
N VAL A 114 -13.10 9.09 1.03
CA VAL A 114 -14.20 8.60 0.20
C VAL A 114 -14.90 9.76 -0.48
N ASP A 115 -14.70 10.97 0.00
CA ASP A 115 -15.38 12.10 -0.59
C ASP A 115 -14.38 13.18 -1.04
N VAL A 116 -14.48 13.65 -2.29
CA VAL A 116 -13.56 14.71 -2.78
C VAL A 116 -13.63 15.90 -1.85
N GLY A 117 -14.81 16.09 -1.24
CA GLY A 117 -15.05 17.19 -0.31
C GLY A 117 -14.26 17.11 0.99
N ARG A 118 -13.86 15.89 1.34
CA ARG A 118 -13.08 15.61 2.54
C ARG A 118 -11.89 14.83 2.03
N ALA A 119 -10.97 15.56 1.40
CA ALA A 119 -9.77 15.01 0.77
C ALA A 119 -8.56 14.79 1.65
N ILE A 120 -8.71 15.07 2.94
CA ILE A 120 -7.68 14.83 3.95
C ILE A 120 -6.39 15.66 3.88
N ILE A 121 -5.79 15.74 2.70
CA ILE A 121 -4.53 16.44 2.57
C ILE A 121 -4.38 17.13 1.23
N HIS A 122 -3.76 18.29 1.27
CA HIS A 122 -3.46 19.06 0.10
C HIS A 122 -1.96 18.91 -0.14
N GLY A 123 -1.56 18.63 -1.36
CA GLY A 123 -0.16 18.52 -1.67
C GLY A 123 0.06 19.39 -2.90
N SER A 124 1.07 20.24 -2.86
CA SER A 124 1.40 21.10 -3.99
C SER A 124 1.49 20.27 -5.30
N ASP A 125 1.02 20.79 -6.43
CA ASP A 125 1.07 19.99 -7.66
C ASP A 125 2.24 20.21 -8.61
N SER A 126 3.05 21.22 -8.33
CA SER A 126 4.21 21.56 -9.13
C SER A 126 5.13 22.49 -8.33
N VAL A 127 6.42 22.51 -8.66
CA VAL A 127 7.39 23.37 -8.00
C VAL A 127 6.93 24.83 -7.96
N GLU A 128 6.38 25.30 -9.05
CA GLU A 128 5.93 26.66 -9.13
C GLU A 128 4.86 26.95 -8.07
N SER A 129 3.95 26.00 -7.86
CA SER A 129 2.91 26.20 -6.87
C SER A 129 3.38 25.97 -5.42
N ALA A 130 4.36 25.10 -5.25
CA ALA A 130 4.90 24.84 -3.92
C ALA A 130 5.38 26.18 -3.42
N ASN A 131 6.29 26.78 -4.19
CA ASN A 131 6.90 28.09 -3.92
C ASN A 131 5.85 29.13 -3.61
N ARG A 132 4.79 29.15 -4.40
CA ARG A 132 3.75 30.10 -4.11
C ARG A 132 3.08 29.78 -2.75
N GLU A 133 2.70 28.52 -2.55
CA GLU A 133 2.04 28.06 -1.33
C GLU A 133 2.89 28.11 -0.06
N ILE A 134 4.19 27.91 -0.22
CA ILE A 134 5.11 27.99 0.90
C ILE A 134 5.15 29.44 1.40
N ALA A 135 5.68 30.35 0.59
CA ALA A 135 5.75 31.75 0.97
C ALA A 135 4.41 32.21 1.55
N LEU A 136 3.33 31.60 1.07
CA LEU A 136 2.00 31.96 1.53
C LEU A 136 1.63 31.52 2.95
N TRP A 137 2.08 30.34 3.34
CA TRP A 137 1.73 29.81 4.66
C TRP A 137 2.87 29.97 5.64
N PHE A 138 4.07 30.22 5.12
CA PHE A 138 5.25 30.31 5.96
C PHE A 138 6.13 31.56 5.92
N LYS A 139 6.31 32.17 7.10
CA LYS A 139 7.20 33.32 7.21
C LYS A 139 8.58 32.69 7.00
N PRO A 140 9.52 33.44 6.42
CA PRO A 140 10.86 32.85 6.21
C PRO A 140 11.56 32.19 7.41
N GLU A 141 11.37 32.71 8.63
CA GLU A 141 12.03 32.19 9.84
C GLU A 141 11.51 30.86 10.39
N GLU A 142 10.29 30.49 10.00
CA GLU A 142 9.68 29.24 10.46
C GLU A 142 10.23 28.03 9.71
N LEU A 143 11.12 28.28 8.75
CA LEU A 143 11.66 27.20 7.96
C LEU A 143 13.11 26.96 8.27
N LEU A 144 13.50 25.71 8.40
CA LEU A 144 14.87 25.37 8.70
C LEU A 144 15.68 25.64 7.44
N THR A 145 16.89 26.15 7.61
CA THR A 145 17.72 26.48 6.45
C THR A 145 18.48 25.29 5.89
N GLU A 146 19.20 24.57 6.73
CA GLU A 146 19.93 23.43 6.25
C GLU A 146 20.40 22.52 7.36
N VAL A 147 20.36 21.23 7.07
CA VAL A 147 20.79 20.21 8.00
C VAL A 147 20.95 18.91 7.17
N LYS A 148 21.32 17.81 7.84
CA LYS A 148 21.56 16.53 7.18
C LYS A 148 20.46 15.48 7.19
N PRO A 149 20.03 14.99 6.00
CA PRO A 149 18.99 13.95 5.95
C PRO A 149 19.75 12.64 6.14
N ASN A 150 19.05 11.51 6.27
CA ASN A 150 19.75 10.24 6.45
C ASN A 150 20.69 10.05 5.26
N PRO A 151 22.00 9.86 5.53
CA PRO A 151 23.05 9.67 4.50
C PRO A 151 22.96 8.39 3.67
N ASN A 152 22.00 7.54 4.01
CA ASN A 152 21.79 6.30 3.30
C ASN A 152 20.76 6.47 2.21
N LEU A 153 20.11 7.62 2.18
CA LEU A 153 19.10 7.85 1.17
C LEU A 153 19.72 8.22 -0.16
N TYR A 154 20.76 9.04 -0.07
CA TYR A 154 21.47 9.59 -1.22
C TYR A 154 22.91 9.14 -1.50
N GLU A 155 23.41 9.48 -2.69
CA GLU A 155 24.78 9.16 -3.11
C GLU A 155 25.74 10.31 -2.79
N VAL B 6 -26.45 7.04 -2.92
CA VAL B 6 -25.45 8.04 -2.48
C VAL B 6 -24.55 7.37 -1.42
N ASN B 7 -24.06 8.12 -0.43
CA ASN B 7 -23.19 7.55 0.62
C ASN B 7 -23.87 6.48 1.46
N LYS B 8 -25.04 6.02 1.00
CA LYS B 8 -25.77 4.98 1.69
C LYS B 8 -25.77 3.70 0.85
N GLU B 9 -24.81 3.63 -0.07
CA GLU B 9 -24.62 2.45 -0.92
C GLU B 9 -24.02 1.36 0.01
N ARG B 10 -24.16 0.10 -0.39
CA ARG B 10 -23.71 -1.02 0.44
C ARG B 10 -23.14 -2.17 -0.32
N THR B 11 -22.24 -2.91 0.33
CA THR B 11 -21.62 -4.01 -0.32
C THR B 11 -21.42 -5.16 0.61
N PHE B 12 -21.39 -6.36 0.03
CA PHE B 12 -21.18 -7.58 0.77
C PHE B 12 -19.75 -8.06 0.61
N LEU B 13 -19.12 -8.25 1.75
CA LEU B 13 -17.76 -8.70 1.84
C LEU B 13 -17.81 -9.94 2.68
N ALA B 14 -17.03 -10.94 2.27
CA ALA B 14 -16.96 -12.20 2.98
C ALA B 14 -15.51 -12.63 3.17
N VAL B 15 -15.05 -12.81 4.42
CA VAL B 15 -13.68 -13.28 4.59
C VAL B 15 -13.83 -14.77 4.49
N LYS B 16 -13.20 -15.33 3.47
CA LYS B 16 -13.27 -16.74 3.17
C LYS B 16 -12.50 -17.61 4.12
N PRO B 17 -12.82 -18.91 4.15
CA PRO B 17 -12.14 -19.84 5.05
C PRO B 17 -10.62 -19.72 5.20
N ASP B 18 -9.91 -19.36 4.14
CA ASP B 18 -8.47 -19.23 4.24
C ASP B 18 -8.06 -17.93 4.93
N GLY B 19 -8.90 -16.89 4.81
CA GLY B 19 -8.61 -15.64 5.49
C GLY B 19 -8.84 -15.85 6.98
N VAL B 20 -9.97 -16.42 7.32
CA VAL B 20 -10.30 -16.68 8.72
C VAL B 20 -9.19 -17.50 9.36
N ALA B 21 -8.84 -18.64 8.77
CA ALA B 21 -7.79 -19.52 9.30
C ALA B 21 -6.40 -18.90 9.36
N ARG B 22 -6.15 -17.93 8.49
CA ARG B 22 -4.85 -17.25 8.49
C ARG B 22 -4.76 -16.10 9.48
N GLY B 23 -5.88 -15.81 10.14
CA GLY B 23 -5.92 -14.78 11.15
C GLY B 23 -5.93 -13.38 10.59
N LEU B 24 -6.66 -13.19 9.48
CA LEU B 24 -6.72 -11.88 8.84
C LEU B 24 -8.02 -11.13 8.99
N VAL B 25 -8.99 -11.67 9.70
CA VAL B 25 -10.26 -10.98 9.85
C VAL B 25 -10.13 -9.55 10.38
N GLY B 26 -9.31 -9.34 11.41
CA GLY B 26 -9.14 -8.02 11.97
C GLY B 26 -8.45 -7.05 11.05
N GLU B 27 -7.47 -7.53 10.28
CA GLU B 27 -6.72 -6.72 9.32
C GLU B 27 -7.62 -6.21 8.19
N ILE B 28 -8.49 -7.09 7.72
CA ILE B 28 -9.42 -6.77 6.66
C ILE B 28 -10.48 -5.75 7.14
N ILE B 29 -11.17 -6.03 8.24
CA ILE B 29 -12.20 -5.12 8.77
C ILE B 29 -11.65 -3.71 9.00
N ALA B 30 -10.41 -3.64 9.47
CA ALA B 30 -9.70 -2.39 9.75
C ALA B 30 -9.35 -1.55 8.50
N ARG B 31 -9.06 -2.20 7.39
CA ARG B 31 -8.77 -1.46 6.18
C ARG B 31 -10.01 -0.66 5.76
N TYR B 32 -11.20 -1.27 5.95
CA TYR B 32 -12.48 -0.69 5.58
C TYR B 32 -12.97 0.37 6.54
N GLU B 33 -12.67 0.16 7.81
CA GLU B 33 -13.02 1.12 8.85
C GLU B 33 -12.14 2.36 8.75
N LYS B 34 -10.89 2.17 8.37
CA LYS B 34 -9.96 3.28 8.22
C LYS B 34 -10.30 4.12 7.02
N LYS B 35 -10.89 3.45 6.04
CA LYS B 35 -11.33 4.01 4.79
C LYS B 35 -12.49 4.95 5.00
N GLY B 36 -13.38 4.62 5.92
CA GLY B 36 -14.50 5.52 6.17
C GLY B 36 -15.82 4.81 6.13
N PHE B 37 -15.81 3.56 5.74
CA PHE B 37 -17.01 2.79 5.68
C PHE B 37 -17.47 2.34 7.05
N VAL B 38 -18.78 2.22 7.19
CA VAL B 38 -19.39 1.77 8.41
C VAL B 38 -19.84 0.34 8.26
N LEU B 39 -19.68 -0.42 9.32
CA LEU B 39 -20.04 -1.81 9.33
C LEU B 39 -21.51 -1.84 9.73
N VAL B 40 -22.36 -2.34 8.85
CA VAL B 40 -23.78 -2.42 9.16
C VAL B 40 -24.23 -3.84 9.41
N GLY B 41 -23.37 -4.80 9.09
CA GLY B 41 -23.68 -6.20 9.31
C GLY B 41 -22.39 -6.95 9.52
N LEU B 42 -22.38 -7.91 10.45
CA LEU B 42 -21.21 -8.69 10.74
C LEU B 42 -21.56 -9.98 11.46
N LYS B 43 -21.06 -11.10 10.98
CA LYS B 43 -21.28 -12.39 11.65
C LYS B 43 -20.42 -13.51 11.08
N GLN B 44 -20.13 -14.48 11.93
CA GLN B 44 -19.36 -15.62 11.47
C GLN B 44 -20.38 -16.77 11.42
N LEU B 45 -20.33 -17.59 10.38
CA LEU B 45 -21.24 -18.72 10.22
C LEU B 45 -20.52 -19.72 9.36
N VAL B 46 -20.99 -20.96 9.31
CA VAL B 46 -20.36 -21.91 8.39
C VAL B 46 -21.40 -22.04 7.31
N PRO B 47 -21.05 -21.70 6.07
CA PRO B 47 -21.99 -21.79 4.98
C PRO B 47 -22.42 -23.23 4.72
N THR B 48 -23.59 -23.38 4.12
CA THR B 48 -24.13 -24.68 3.74
C THR B 48 -24.25 -24.67 2.21
N LYS B 49 -24.22 -25.85 1.57
CA LYS B 49 -24.29 -25.99 0.10
C LYS B 49 -25.27 -25.09 -0.67
N ASP B 50 -26.54 -25.15 -0.29
CA ASP B 50 -27.59 -24.35 -0.93
C ASP B 50 -27.08 -22.92 -1.07
N LEU B 51 -26.61 -22.36 0.05
CA LEU B 51 -26.10 -21.00 0.11
C LEU B 51 -24.88 -20.80 -0.76
N ALA B 52 -23.92 -21.72 -0.71
CA ALA B 52 -22.69 -21.60 -1.50
C ALA B 52 -22.92 -21.64 -2.98
N GLU B 53 -23.73 -22.59 -3.45
CA GLU B 53 -24.04 -22.71 -4.87
C GLU B 53 -24.87 -21.52 -5.31
N SER B 54 -25.78 -21.08 -4.45
CA SER B 54 -26.61 -19.95 -4.79
C SER B 54 -25.74 -18.68 -4.82
N HIS B 55 -24.79 -18.56 -3.88
CA HIS B 55 -23.90 -17.40 -3.84
C HIS B 55 -22.98 -17.37 -5.04
N TYR B 56 -22.38 -18.51 -5.35
CA TYR B 56 -21.45 -18.64 -6.46
C TYR B 56 -22.10 -19.13 -7.75
N ALA B 57 -23.32 -18.65 -7.99
CA ALA B 57 -24.10 -19.00 -9.17
C ALA B 57 -23.58 -18.47 -10.50
N GLU B 58 -22.98 -17.28 -10.53
CA GLU B 58 -22.48 -16.76 -11.81
C GLU B 58 -21.28 -17.53 -12.36
N HIS B 59 -20.95 -18.66 -11.72
CA HIS B 59 -19.82 -19.50 -12.16
C HIS B 59 -20.18 -20.98 -12.27
N LYS B 60 -21.45 -21.32 -12.01
CA LYS B 60 -21.93 -22.70 -12.07
C LYS B 60 -21.37 -23.57 -13.19
N GLU B 61 -21.43 -23.07 -14.42
CA GLU B 61 -20.98 -23.79 -15.59
C GLU B 61 -19.47 -23.64 -15.87
N ARG B 62 -18.69 -23.29 -14.86
CA ARG B 62 -17.24 -23.10 -15.03
C ARG B 62 -16.41 -24.23 -14.40
N PRO B 63 -15.22 -24.51 -14.98
CA PRO B 63 -14.32 -25.57 -14.50
C PRO B 63 -14.01 -25.65 -12.98
N PHE B 64 -13.55 -24.53 -12.42
CA PHE B 64 -13.19 -24.44 -11.01
C PHE B 64 -14.40 -24.43 -10.09
N PHE B 65 -15.61 -24.36 -10.65
CA PHE B 65 -16.81 -24.29 -9.84
C PHE B 65 -16.85 -25.29 -8.71
N GLY B 66 -16.88 -26.56 -9.06
CA GLY B 66 -16.94 -27.61 -8.06
C GLY B 66 -16.15 -27.32 -6.81
N GLY B 67 -14.89 -26.94 -6.98
CA GLY B 67 -14.01 -26.63 -5.86
C GLY B 67 -14.34 -25.40 -5.06
N LEU B 68 -14.94 -24.40 -5.70
CA LEU B 68 -15.32 -23.15 -5.03
C LEU B 68 -16.26 -23.45 -3.87
N VAL B 69 -17.39 -24.08 -4.21
CA VAL B 69 -18.40 -24.41 -3.21
C VAL B 69 -17.87 -25.31 -2.10
N SER B 70 -17.02 -26.26 -2.47
CA SER B 70 -16.45 -27.20 -1.53
C SER B 70 -15.57 -26.51 -0.48
N PHE B 71 -14.72 -25.61 -0.95
CA PHE B 71 -13.80 -24.89 -0.06
C PHE B 71 -14.47 -23.85 0.82
N ILE B 72 -15.42 -23.11 0.29
CA ILE B 72 -16.09 -22.11 1.10
C ILE B 72 -17.06 -22.77 2.10
N THR B 73 -17.29 -24.07 1.96
CA THR B 73 -18.17 -24.77 2.89
C THR B 73 -17.33 -25.48 3.93
N SER B 74 -16.02 -25.55 3.70
CA SER B 74 -15.14 -26.26 4.63
C SER B 74 -14.89 -25.63 6.01
N GLY B 75 -15.14 -24.33 6.16
CA GLY B 75 -14.89 -23.71 7.44
C GLY B 75 -15.62 -22.42 7.73
N PRO B 76 -15.25 -21.72 8.79
CA PRO B 76 -15.88 -20.45 9.21
C PRO B 76 -15.69 -19.34 8.19
N VAL B 77 -16.72 -18.55 7.97
CA VAL B 77 -16.65 -17.42 7.07
C VAL B 77 -17.22 -16.29 7.91
N VAL B 78 -16.62 -15.11 7.87
CA VAL B 78 -17.18 -13.99 8.62
C VAL B 78 -17.66 -13.10 7.49
N ALA B 79 -18.98 -13.00 7.43
CA ALA B 79 -19.63 -12.24 6.39
C ALA B 79 -19.86 -10.87 6.94
N MET B 80 -19.91 -9.89 6.04
CA MET B 80 -20.12 -8.52 6.46
C MET B 80 -20.56 -7.65 5.34
N VAL B 81 -21.19 -6.54 5.68
CA VAL B 81 -21.60 -5.63 4.66
C VAL B 81 -21.24 -4.23 5.11
N PHE B 82 -20.61 -3.49 4.22
CA PHE B 82 -20.21 -2.13 4.50
C PHE B 82 -21.07 -1.18 3.69
N GLU B 83 -21.27 0.02 4.23
CA GLU B 83 -22.05 1.07 3.61
C GLU B 83 -21.17 2.29 3.42
N GLY B 84 -21.24 2.93 2.27
CA GLY B 84 -20.41 4.10 2.06
C GLY B 84 -20.61 4.61 0.65
N LYS B 85 -20.14 5.80 0.38
CA LYS B 85 -20.28 6.34 -0.95
C LYS B 85 -19.40 5.47 -1.84
N GLY B 86 -20.00 4.88 -2.89
CA GLY B 86 -19.26 4.06 -3.84
C GLY B 86 -18.49 2.89 -3.23
N VAL B 87 -19.02 2.36 -2.14
CA VAL B 87 -18.42 1.26 -1.39
C VAL B 87 -18.22 -0.01 -2.18
N VAL B 88 -19.10 -0.29 -3.13
CA VAL B 88 -18.99 -1.48 -3.95
C VAL B 88 -17.75 -1.46 -4.88
N ALA B 89 -17.56 -0.37 -5.63
CA ALA B 89 -16.42 -0.28 -6.54
C ALA B 89 -15.13 -0.09 -5.77
N SER B 90 -15.23 0.63 -4.65
CA SER B 90 -14.08 0.92 -3.78
C SER B 90 -13.54 -0.30 -3.01
N ALA B 91 -14.43 -1.12 -2.46
CA ALA B 91 -14.04 -2.33 -1.73
C ALA B 91 -13.29 -3.30 -2.66
N ARG B 92 -13.80 -3.41 -3.89
CA ARG B 92 -13.21 -4.27 -4.91
C ARG B 92 -11.79 -3.84 -5.25
N LEU B 93 -11.57 -2.53 -5.38
CA LEU B 93 -10.24 -1.97 -5.67
C LEU B 93 -9.31 -2.26 -4.50
N MET B 94 -9.86 -2.22 -3.30
CA MET B 94 -9.06 -2.49 -2.11
C MET B 94 -8.73 -3.95 -2.04
N ILE B 95 -9.55 -4.79 -2.67
CA ILE B 95 -9.32 -6.22 -2.66
C ILE B 95 -8.22 -6.61 -3.63
N GLY B 96 -8.27 -6.08 -4.84
CA GLY B 96 -7.29 -6.45 -5.85
C GLY B 96 -8.02 -7.16 -6.97
N VAL B 97 -7.32 -7.86 -7.86
CA VAL B 97 -8.01 -8.56 -8.96
C VAL B 97 -8.19 -10.04 -8.63
N THR B 98 -8.68 -10.84 -9.56
CA THR B 98 -8.93 -12.25 -9.27
C THR B 98 -7.70 -13.02 -8.85
N ASN B 99 -6.60 -12.86 -9.57
CA ASN B 99 -5.36 -13.58 -9.23
C ASN B 99 -4.59 -12.74 -8.21
N PRO B 100 -4.28 -13.29 -7.01
CA PRO B 100 -3.55 -12.55 -5.97
C PRO B 100 -2.12 -12.15 -6.33
N LEU B 101 -1.52 -12.90 -7.25
CA LEU B 101 -0.17 -12.62 -7.73
C LEU B 101 -0.12 -11.39 -8.66
N ALA B 102 -1.24 -11.07 -9.29
CA ALA B 102 -1.35 -9.96 -10.21
C ALA B 102 -1.81 -8.71 -9.50
N SER B 103 -2.25 -8.88 -8.25
CA SER B 103 -2.72 -7.76 -7.42
C SER B 103 -1.52 -6.98 -6.87
N ALA B 104 -1.72 -5.68 -6.78
CA ALA B 104 -0.71 -4.75 -6.30
C ALA B 104 -0.53 -4.68 -4.79
N PRO B 105 0.69 -4.37 -4.33
CA PRO B 105 0.96 -4.26 -2.89
C PRO B 105 0.12 -3.10 -2.46
N GLY B 106 -0.61 -3.25 -1.37
CA GLY B 106 -1.46 -2.18 -0.90
C GLY B 106 -2.86 -2.72 -0.84
N SER B 107 -3.19 -3.60 -1.77
CA SER B 107 -4.51 -4.25 -1.83
C SER B 107 -4.45 -5.48 -0.94
N ILE B 108 -5.61 -5.96 -0.52
CA ILE B 108 -5.67 -7.15 0.32
C ILE B 108 -5.09 -8.42 -0.32
N ARG B 109 -5.51 -8.75 -1.53
CA ARG B 109 -4.98 -9.92 -2.20
C ARG B 109 -3.50 -9.77 -2.55
N GLY B 110 -3.07 -8.54 -2.84
CA GLY B 110 -1.68 -8.31 -3.21
C GLY B 110 -0.66 -8.30 -2.10
N ASP B 111 -1.16 -8.07 -0.89
CA ASP B 111 -0.33 -8.04 0.29
C ASP B 111 -0.27 -9.41 0.94
N PHE B 112 -1.36 -10.16 0.88
CA PHE B 112 -1.42 -11.46 1.57
C PHE B 112 -1.65 -12.70 0.74
N GLY B 113 -2.08 -12.53 -0.50
CA GLY B 113 -2.38 -13.69 -1.33
C GLY B 113 -1.39 -14.19 -2.36
N VAL B 114 -1.53 -15.46 -2.68
CA VAL B 114 -0.69 -16.13 -3.64
C VAL B 114 -1.44 -17.04 -4.64
N ASP B 115 -2.57 -17.62 -4.25
CA ASP B 115 -3.30 -18.55 -5.13
C ASP B 115 -4.73 -18.10 -5.46
N VAL B 116 -5.12 -18.19 -6.74
CA VAL B 116 -6.47 -17.81 -7.17
C VAL B 116 -7.52 -18.54 -6.38
N GLY B 117 -7.23 -19.80 -6.05
CA GLY B 117 -8.15 -20.65 -5.28
C GLY B 117 -8.21 -20.42 -3.78
N ARG B 118 -7.27 -19.64 -3.27
CA ARG B 118 -7.20 -19.26 -1.88
C ARG B 118 -7.07 -17.73 -1.93
N ALA B 119 -8.16 -17.09 -2.39
CA ALA B 119 -8.22 -15.64 -2.61
C ALA B 119 -8.58 -14.79 -1.41
N ILE B 120 -8.75 -15.43 -0.25
CA ILE B 120 -8.96 -14.72 1.01
C ILE B 120 -10.24 -13.98 1.29
N ILE B 121 -10.77 -13.28 0.31
CA ILE B 121 -11.97 -12.53 0.55
C ILE B 121 -12.71 -12.36 -0.75
N HIS B 122 -14.04 -12.36 -0.63
CA HIS B 122 -14.93 -12.14 -1.76
C HIS B 122 -15.53 -10.74 -1.56
N GLY B 123 -15.82 -10.03 -2.62
CA GLY B 123 -16.43 -8.73 -2.49
C GLY B 123 -17.34 -8.56 -3.68
N SER B 124 -18.55 -8.06 -3.47
CA SER B 124 -19.49 -7.88 -4.59
C SER B 124 -18.88 -7.11 -5.73
N ASP B 125 -19.20 -7.52 -6.97
CA ASP B 125 -18.66 -6.82 -8.15
C ASP B 125 -19.51 -5.66 -8.74
N SER B 126 -20.67 -5.38 -8.16
CA SER B 126 -21.54 -4.31 -8.63
C SER B 126 -22.67 -4.15 -7.64
N VAL B 127 -23.47 -3.09 -7.77
CA VAL B 127 -24.58 -2.83 -6.85
C VAL B 127 -25.67 -3.91 -6.96
N GLU B 128 -25.96 -4.35 -8.19
CA GLU B 128 -26.97 -5.40 -8.44
C GLU B 128 -26.60 -6.72 -7.73
N SER B 129 -25.33 -7.09 -7.85
CA SER B 129 -24.79 -8.31 -7.25
C SER B 129 -24.77 -8.19 -5.72
N ALA B 130 -24.52 -6.98 -5.22
CA ALA B 130 -24.44 -6.68 -3.80
C ALA B 130 -25.79 -6.77 -3.10
N ASN B 131 -26.78 -6.02 -3.58
CA ASN B 131 -28.09 -6.04 -2.95
C ASN B 131 -28.64 -7.44 -3.06
N ARG B 132 -28.17 -8.19 -4.03
CA ARG B 132 -28.61 -9.57 -4.16
C ARG B 132 -27.98 -10.47 -3.09
N GLU B 133 -26.65 -10.38 -2.98
CA GLU B 133 -25.84 -11.14 -2.02
C GLU B 133 -26.07 -10.75 -0.58
N ILE B 134 -26.34 -9.47 -0.33
CA ILE B 134 -26.62 -9.01 1.03
C ILE B 134 -27.89 -9.74 1.49
N ALA B 135 -28.83 -9.91 0.55
CA ALA B 135 -30.09 -10.58 0.82
C ALA B 135 -29.92 -12.09 1.13
N LEU B 136 -29.00 -12.75 0.46
CA LEU B 136 -28.76 -14.19 0.69
C LEU B 136 -28.11 -14.56 2.03
N TRP B 137 -27.17 -13.75 2.49
CA TRP B 137 -26.45 -14.01 3.74
C TRP B 137 -27.06 -13.41 4.99
N PHE B 138 -27.88 -12.38 4.84
CA PHE B 138 -28.45 -11.71 5.99
C PHE B 138 -29.97 -11.56 6.03
N LYS B 139 -30.52 -11.71 7.24
CA LYS B 139 -31.96 -11.53 7.50
C LYS B 139 -32.01 -10.00 7.71
N PRO B 140 -33.08 -9.31 7.26
CA PRO B 140 -33.18 -7.84 7.42
C PRO B 140 -33.01 -7.23 8.83
N GLU B 141 -33.17 -8.03 9.87
CA GLU B 141 -33.01 -7.51 11.23
C GLU B 141 -31.56 -7.60 11.74
N GLU B 142 -30.73 -8.30 10.98
CA GLU B 142 -29.31 -8.46 11.30
C GLU B 142 -28.48 -7.30 10.70
N LEU B 143 -29.16 -6.33 10.07
CA LEU B 143 -28.51 -5.18 9.44
C LEU B 143 -28.99 -3.88 10.05
N LEU B 144 -28.06 -2.98 10.34
CA LEU B 144 -28.41 -1.69 10.92
C LEU B 144 -29.30 -0.92 9.96
N THR B 145 -30.28 -0.19 10.48
CA THR B 145 -31.20 0.58 9.65
C THR B 145 -30.63 1.91 9.10
N GLU B 146 -30.38 2.87 9.98
CA GLU B 146 -29.82 4.17 9.57
C GLU B 146 -28.74 4.57 10.59
N VAL B 147 -27.54 4.90 10.09
CA VAL B 147 -26.42 5.25 10.97
C VAL B 147 -25.92 6.69 10.98
N LYS B 148 -25.09 6.97 11.97
CA LYS B 148 -24.46 8.27 12.19
C LYS B 148 -22.97 7.97 11.91
N PRO B 149 -22.56 8.00 10.62
CA PRO B 149 -21.18 7.72 10.19
C PRO B 149 -20.18 8.64 10.85
N ASN B 150 -18.91 8.48 10.52
CA ASN B 150 -17.94 9.38 11.10
C ASN B 150 -18.27 10.73 10.49
N PRO B 151 -18.46 11.76 11.33
CA PRO B 151 -18.80 13.14 10.94
C PRO B 151 -17.96 13.87 9.87
N ASN B 152 -16.66 13.60 9.84
CA ASN B 152 -15.76 14.25 8.89
C ASN B 152 -15.41 13.44 7.66
N LEU B 153 -16.29 12.55 7.24
CA LEU B 153 -16.05 11.71 6.07
C LEU B 153 -16.68 12.26 4.80
N TYR B 154 -17.92 12.72 4.91
CA TYR B 154 -18.71 13.24 3.79
C TYR B 154 -19.05 14.72 3.89
N GLU B 155 -19.29 15.32 2.73
CA GLU B 155 -19.63 16.74 2.60
C GLU B 155 -21.15 16.90 2.72
N VAL C 6 4.35 -23.44 -10.62
CA VAL C 6 4.97 -24.43 -9.68
C VAL C 6 5.16 -23.81 -8.32
N ASN C 7 4.74 -24.53 -7.28
CA ASN C 7 4.85 -24.08 -5.89
C ASN C 7 6.25 -24.10 -5.28
N LYS C 8 7.27 -24.48 -6.05
CA LYS C 8 8.64 -24.53 -5.53
C LYS C 8 9.62 -23.65 -6.28
N GLU C 9 9.10 -22.64 -6.95
CA GLU C 9 9.89 -21.66 -7.70
C GLU C 9 10.56 -20.83 -6.62
N ARG C 10 11.72 -20.24 -6.91
CA ARG C 10 12.42 -19.45 -5.91
C ARG C 10 13.05 -18.26 -6.52
N THR C 11 13.26 -17.25 -5.69
CA THR C 11 13.89 -16.03 -6.12
C THR C 11 14.92 -15.70 -5.04
N PHE C 12 15.83 -14.83 -5.40
CA PHE C 12 16.88 -14.43 -4.50
C PHE C 12 16.60 -12.97 -4.24
N LEU C 13 16.71 -12.54 -3.00
CA LEU C 13 16.51 -11.13 -2.66
C LEU C 13 17.67 -10.78 -1.75
N ALA C 14 18.03 -9.53 -1.67
CA ALA C 14 19.10 -9.17 -0.79
C ALA C 14 18.83 -7.78 -0.32
N VAL C 15 18.72 -7.59 0.98
CA VAL C 15 18.55 -6.24 1.50
C VAL C 15 19.94 -5.66 1.42
N LYS C 16 20.01 -4.47 0.83
CA LYS C 16 21.25 -3.75 0.59
C LYS C 16 21.76 -3.04 1.80
N PRO C 17 23.00 -2.50 1.72
CA PRO C 17 23.67 -1.78 2.80
C PRO C 17 22.86 -0.63 3.33
N ASP C 18 22.11 0.01 2.44
CA ASP C 18 21.28 1.15 2.81
C ASP C 18 20.00 0.70 3.52
N GLY C 19 19.57 -0.52 3.18
CA GLY C 19 18.37 -1.06 3.80
C GLY C 19 18.67 -1.53 5.22
N VAL C 20 19.76 -2.27 5.37
CA VAL C 20 20.21 -2.79 6.66
C VAL C 20 20.44 -1.62 7.63
N ALA C 21 21.18 -0.62 7.17
CA ALA C 21 21.48 0.55 7.97
C ALA C 21 20.28 1.38 8.37
N ARG C 22 19.27 1.45 7.52
CA ARG C 22 18.12 2.25 7.88
C ARG C 22 17.18 1.49 8.78
N GLY C 23 17.51 0.23 9.04
CA GLY C 23 16.70 -0.62 9.90
C GLY C 23 15.46 -1.14 9.22
N LEU C 24 15.65 -1.75 8.05
CA LEU C 24 14.54 -2.25 7.21
C LEU C 24 14.53 -3.75 6.88
N VAL C 25 15.41 -4.50 7.51
CA VAL C 25 15.46 -5.94 7.29
C VAL C 25 14.17 -6.64 7.77
N GLY C 26 13.64 -6.23 8.93
CA GLY C 26 12.44 -6.85 9.47
C GLY C 26 11.20 -6.45 8.68
N GLU C 27 11.13 -5.17 8.36
CA GLU C 27 10.04 -4.64 7.58
C GLU C 27 9.93 -5.39 6.24
N ILE C 28 11.05 -5.60 5.56
CA ILE C 28 11.09 -6.26 4.26
C ILE C 28 10.78 -7.76 4.31
N ILE C 29 11.37 -8.47 5.27
CA ILE C 29 11.10 -9.93 5.42
C ILE C 29 9.60 -10.14 5.73
N ALA C 30 9.05 -9.29 6.60
CA ALA C 30 7.64 -9.34 7.02
C ALA C 30 6.60 -9.29 5.89
N ARG C 31 6.92 -8.62 4.78
CA ARG C 31 6.00 -8.50 3.64
C ARG C 31 5.95 -9.75 2.79
N TYR C 32 7.07 -10.46 2.70
CA TYR C 32 7.11 -11.71 1.95
C TYR C 32 6.48 -12.84 2.76
N GLU C 33 6.65 -12.75 4.08
CA GLU C 33 6.05 -13.70 5.01
C GLU C 33 4.53 -13.51 5.01
N LYS C 34 4.07 -12.27 5.17
CA LYS C 34 2.63 -12.00 5.15
C LYS C 34 2.04 -12.38 3.80
N LYS C 35 2.83 -12.24 2.75
CA LYS C 35 2.41 -12.61 1.41
C LYS C 35 2.24 -14.13 1.39
N GLY C 36 3.01 -14.84 2.18
CA GLY C 36 2.84 -16.27 2.19
C GLY C 36 4.06 -17.00 1.66
N PHE C 37 5.06 -16.25 1.26
CA PHE C 37 6.27 -16.87 0.74
C PHE C 37 7.06 -17.51 1.89
N VAL C 38 7.73 -18.63 1.61
CA VAL C 38 8.52 -19.31 2.65
C VAL C 38 9.99 -18.98 2.46
N LEU C 39 10.66 -18.69 3.57
CA LEU C 39 12.06 -18.32 3.60
C LEU C 39 12.85 -19.60 3.69
N VAL C 40 13.48 -20.01 2.60
CA VAL C 40 14.27 -21.24 2.61
C VAL C 40 15.77 -21.06 2.68
N GLY C 41 16.25 -19.85 2.83
CA GLY C 41 17.68 -19.63 2.95
C GLY C 41 17.77 -18.22 3.45
N LEU C 42 18.68 -17.89 4.36
CA LEU C 42 18.80 -16.53 4.86
C LEU C 42 20.16 -16.37 5.52
N LYS C 43 20.81 -15.23 5.33
CA LYS C 43 22.07 -15.00 5.97
C LYS C 43 22.52 -13.60 5.71
N GLN C 44 23.35 -13.07 6.59
CA GLN C 44 23.92 -11.74 6.45
C GLN C 44 25.43 -11.90 6.19
N LEU C 45 26.03 -10.96 5.48
CA LEU C 45 27.44 -11.00 5.17
C LEU C 45 27.91 -9.69 4.59
N VAL C 46 29.21 -9.56 4.43
CA VAL C 46 29.80 -8.38 3.81
C VAL C 46 30.30 -8.93 2.46
N PRO C 47 29.70 -8.48 1.35
CA PRO C 47 30.12 -8.96 0.05
C PRO C 47 31.53 -8.55 -0.31
N THR C 48 32.21 -9.43 -1.04
CA THR C 48 33.58 -9.22 -1.51
C THR C 48 33.51 -8.74 -2.96
N LYS C 49 34.54 -8.00 -3.40
CA LYS C 49 34.60 -7.49 -4.78
C LYS C 49 34.24 -8.55 -5.83
N ASP C 50 34.74 -9.77 -5.62
CA ASP C 50 34.47 -10.87 -6.54
C ASP C 50 33.01 -11.40 -6.51
N LEU C 51 32.30 -11.20 -5.41
CA LEU C 51 30.92 -11.67 -5.29
C LEU C 51 29.97 -10.67 -5.95
N ALA C 52 30.23 -9.40 -5.68
CA ALA C 52 29.43 -8.32 -6.19
C ALA C 52 29.53 -8.14 -7.70
N GLU C 53 30.72 -8.39 -8.27
CA GLU C 53 30.86 -8.22 -9.70
C GLU C 53 30.09 -9.31 -10.44
N SER C 54 30.23 -10.55 -9.99
CA SER C 54 29.51 -11.66 -10.60
C SER C 54 28.03 -11.36 -10.46
N HIS C 55 27.63 -10.92 -9.27
CA HIS C 55 26.23 -10.61 -9.01
C HIS C 55 25.68 -9.65 -10.05
N TYR C 56 26.23 -8.45 -10.10
CA TYR C 56 25.79 -7.44 -11.05
C TYR C 56 26.52 -7.56 -12.40
N ALA C 57 26.90 -8.77 -12.77
CA ALA C 57 27.64 -9.02 -14.01
C ALA C 57 27.02 -8.35 -15.21
N GLU C 58 25.71 -8.54 -15.40
CA GLU C 58 24.99 -7.98 -16.56
C GLU C 58 25.11 -6.47 -16.78
N HIS C 59 25.74 -5.79 -15.83
CA HIS C 59 25.94 -4.36 -15.92
C HIS C 59 27.43 -4.06 -15.88
N LYS C 60 28.23 -5.05 -16.31
CA LYS C 60 29.69 -4.98 -16.34
C LYS C 60 30.25 -3.65 -16.83
N GLU C 61 29.63 -3.08 -17.85
CA GLU C 61 30.07 -1.80 -18.42
C GLU C 61 28.95 -0.78 -18.51
N ARG C 62 28.84 0.04 -17.47
CA ARG C 62 27.83 1.09 -17.38
C ARG C 62 28.45 2.19 -16.51
N PRO C 63 28.04 3.45 -16.73
CA PRO C 63 28.51 4.65 -16.02
C PRO C 63 28.51 4.58 -14.49
N PHE C 64 27.70 3.69 -13.93
CA PHE C 64 27.58 3.57 -12.48
C PHE C 64 27.96 2.22 -11.86
N PHE C 65 28.53 1.30 -12.65
CA PHE C 65 28.95 -0.03 -12.17
C PHE C 65 29.85 0.04 -10.94
N GLY C 66 30.94 0.80 -11.05
CA GLY C 66 31.85 0.96 -9.94
C GLY C 66 31.13 1.47 -8.70
N GLY C 67 30.46 2.62 -8.81
CA GLY C 67 29.74 3.19 -7.68
C GLY C 67 28.72 2.26 -7.03
N LEU C 68 28.25 1.28 -7.79
CA LEU C 68 27.28 0.32 -7.30
C LEU C 68 28.03 -0.84 -6.66
N VAL C 69 29.13 -1.26 -7.29
CA VAL C 69 29.97 -2.36 -6.78
C VAL C 69 30.70 -1.93 -5.50
N SER C 70 30.95 -0.63 -5.36
CA SER C 70 31.65 -0.10 -4.20
C SER C 70 30.64 0.11 -3.10
N PHE C 71 29.38 0.26 -3.50
CA PHE C 71 28.34 0.46 -2.51
C PHE C 71 27.91 -0.85 -1.92
N ILE C 72 27.60 -1.81 -2.75
CA ILE C 72 27.16 -3.10 -2.23
C ILE C 72 28.26 -3.80 -1.38
N THR C 73 29.47 -3.23 -1.37
CA THR C 73 30.57 -3.79 -0.57
C THR C 73 30.91 -2.98 0.69
N SER C 74 30.34 -1.78 0.79
CA SER C 74 30.60 -0.90 1.92
C SER C 74 29.98 -1.36 3.26
N GLY C 75 29.15 -2.39 3.24
CA GLY C 75 28.55 -2.81 4.50
C GLY C 75 27.87 -4.13 4.37
N PRO C 76 27.10 -4.57 5.40
CA PRO C 76 26.39 -5.85 5.36
C PRO C 76 25.12 -5.86 4.49
N VAL C 77 24.89 -7.01 3.89
CA VAL C 77 23.76 -7.29 3.03
C VAL C 77 23.16 -8.49 3.71
N VAL C 78 21.84 -8.64 3.63
CA VAL C 78 21.27 -9.84 4.19
C VAL C 78 20.59 -10.49 3.01
N ALA C 79 21.15 -11.61 2.61
CA ALA C 79 20.67 -12.36 1.48
C ALA C 79 19.63 -13.31 1.97
N MET C 80 18.73 -13.65 1.05
CA MET C 80 17.65 -14.54 1.36
C MET C 80 17.04 -15.06 0.08
N VAL C 81 16.36 -16.19 0.18
CA VAL C 81 15.65 -16.79 -0.94
C VAL C 81 14.29 -17.25 -0.41
N PHE C 82 13.25 -16.86 -1.12
CA PHE C 82 11.89 -17.22 -0.77
C PHE C 82 11.42 -18.16 -1.85
N GLU C 83 10.54 -19.06 -1.47
CA GLU C 83 9.98 -20.03 -2.37
C GLU C 83 8.46 -19.90 -2.34
N GLY C 84 7.83 -20.15 -3.47
CA GLY C 84 6.38 -20.08 -3.53
C GLY C 84 6.01 -19.87 -4.96
N LYS C 85 4.72 -19.96 -5.28
CA LYS C 85 4.27 -19.72 -6.64
C LYS C 85 4.47 -18.26 -7.06
N GLY C 86 4.99 -18.09 -8.27
CA GLY C 86 5.21 -16.76 -8.82
C GLY C 86 6.03 -15.85 -7.95
N VAL C 87 6.83 -16.42 -7.06
CA VAL C 87 7.65 -15.64 -6.15
C VAL C 87 8.58 -14.62 -6.84
N VAL C 88 9.20 -15.02 -7.93
CA VAL C 88 10.09 -14.13 -8.65
C VAL C 88 9.35 -12.88 -9.16
N ALA C 89 8.22 -13.08 -9.85
CA ALA C 89 7.45 -11.97 -10.37
C ALA C 89 6.69 -11.17 -9.31
N SER C 90 6.20 -11.82 -8.25
CA SER C 90 5.47 -11.11 -7.19
C SER C 90 6.46 -10.31 -6.41
N ALA C 91 7.56 -10.95 -6.10
CA ALA C 91 8.60 -10.31 -5.33
C ALA C 91 9.06 -9.08 -6.04
N ARG C 92 9.00 -9.11 -7.37
CA ARG C 92 9.39 -7.94 -8.18
C ARG C 92 8.34 -6.83 -8.08
N LEU C 93 7.06 -7.19 -8.10
CA LEU C 93 5.97 -6.21 -7.98
C LEU C 93 6.03 -5.54 -6.58
N MET C 94 6.27 -6.36 -5.55
CA MET C 94 6.36 -5.83 -4.21
C MET C 94 7.53 -4.87 -4.00
N ILE C 95 8.60 -5.05 -4.77
CA ILE C 95 9.81 -4.20 -4.69
C ILE C 95 9.61 -2.84 -5.37
N GLY C 96 8.97 -2.87 -6.54
CA GLY C 96 8.72 -1.66 -7.31
C GLY C 96 9.44 -1.62 -8.64
N VAL C 97 9.69 -0.42 -9.15
CA VAL C 97 10.40 -0.27 -10.41
C VAL C 97 11.77 0.23 -10.02
N THR C 98 12.68 0.27 -10.99
CA THR C 98 14.06 0.65 -10.73
C THR C 98 14.25 1.97 -9.94
N ASN C 99 13.53 3.01 -10.29
CA ASN C 99 13.64 4.30 -9.62
C ASN C 99 12.62 4.36 -8.47
N PRO C 100 13.09 4.44 -7.22
CA PRO C 100 12.24 4.51 -6.03
C PRO C 100 11.14 5.58 -6.07
N LEU C 101 11.50 6.79 -6.51
CA LEU C 101 10.56 7.91 -6.60
C LEU C 101 9.32 7.61 -7.43
N ALA C 102 9.52 6.79 -8.46
CA ALA C 102 8.46 6.40 -9.38
C ALA C 102 7.77 5.12 -8.94
N SER C 103 8.18 4.53 -7.81
CA SER C 103 7.51 3.31 -7.37
C SER C 103 6.24 3.69 -6.65
N ALA C 104 5.16 2.95 -6.85
CA ALA C 104 3.91 3.31 -6.19
C ALA C 104 3.88 3.05 -4.68
N PRO C 105 3.00 3.74 -3.93
CA PRO C 105 2.90 3.53 -2.49
C PRO C 105 2.43 2.08 -2.28
N GLY C 106 2.90 1.44 -1.23
CA GLY C 106 2.55 0.05 -1.00
C GLY C 106 3.71 -0.84 -1.38
N SER C 107 4.55 -0.39 -2.32
CA SER C 107 5.70 -1.19 -2.72
C SER C 107 6.89 -0.80 -1.84
N ILE C 108 7.85 -1.70 -1.69
CA ILE C 108 9.04 -1.43 -0.87
C ILE C 108 9.79 -0.17 -1.31
N ARG C 109 10.14 -0.03 -2.59
CA ARG C 109 10.85 1.18 -3.04
C ARG C 109 10.01 2.43 -3.01
N GLY C 110 8.69 2.30 -3.16
CA GLY C 110 7.83 3.47 -3.12
C GLY C 110 7.54 4.03 -1.73
N ASP C 111 7.57 3.15 -0.73
CA ASP C 111 7.36 3.56 0.65
C ASP C 111 8.61 4.08 1.31
N PHE C 112 9.77 3.52 0.99
CA PHE C 112 11.03 3.87 1.64
C PHE C 112 12.14 4.47 0.81
N GLY C 113 12.08 4.32 -0.51
CA GLY C 113 13.16 4.79 -1.35
C GLY C 113 13.00 6.11 -2.06
N VAL C 114 14.15 6.68 -2.44
CA VAL C 114 14.18 7.97 -3.13
C VAL C 114 15.25 8.01 -4.24
N ASP C 115 16.34 7.28 -4.05
CA ASP C 115 17.43 7.33 -5.01
C ASP C 115 17.68 6.00 -5.65
N VAL C 116 17.98 6.02 -6.93
CA VAL C 116 18.28 4.84 -7.71
C VAL C 116 19.57 4.20 -7.21
N GLY C 117 20.42 5.02 -6.61
CA GLY C 117 21.67 4.53 -6.07
C GLY C 117 21.47 3.83 -4.74
N ARG C 118 20.49 4.29 -3.98
CA ARG C 118 20.13 3.73 -2.69
C ARG C 118 18.76 3.10 -2.89
N ALA C 119 18.74 2.00 -3.64
CA ALA C 119 17.51 1.29 -4.00
C ALA C 119 17.00 0.33 -2.97
N ILE C 120 17.69 0.29 -1.83
CA ILE C 120 17.28 -0.53 -0.72
C ILE C 120 17.33 -2.02 -0.84
N ILE C 121 16.83 -2.57 -1.95
CA ILE C 121 16.81 -4.02 -2.05
C ILE C 121 16.97 -4.49 -3.47
N HIS C 122 17.48 -5.71 -3.61
CA HIS C 122 17.64 -6.31 -4.91
C HIS C 122 16.65 -7.46 -5.06
N GLY C 123 16.19 -7.71 -6.27
CA GLY C 123 15.29 -8.82 -6.49
C GLY C 123 15.62 -9.43 -7.83
N SER C 124 15.65 -10.75 -7.92
CA SER C 124 15.93 -11.37 -9.20
C SER C 124 14.85 -10.94 -10.21
N ASP C 125 15.26 -10.64 -11.46
CA ASP C 125 14.28 -10.24 -12.50
C ASP C 125 13.64 -11.38 -13.35
N SER C 126 14.24 -12.56 -13.33
CA SER C 126 13.74 -13.71 -14.06
C SER C 126 14.13 -14.93 -13.28
N VAL C 127 13.59 -16.08 -13.66
CA VAL C 127 13.93 -17.32 -12.98
C VAL C 127 15.31 -17.81 -13.41
N GLU C 128 15.86 -17.27 -14.49
CA GLU C 128 17.20 -17.67 -14.97
C GLU C 128 18.21 -16.99 -14.06
N SER C 129 17.95 -15.74 -13.76
CA SER C 129 18.82 -14.97 -12.87
C SER C 129 18.65 -15.34 -11.37
N ALA C 130 17.50 -15.90 -10.99
CA ALA C 130 17.29 -16.27 -9.58
C ALA C 130 18.06 -17.56 -9.33
N ASN C 131 17.96 -18.50 -10.25
CA ASN C 131 18.69 -19.74 -10.11
C ASN C 131 20.17 -19.45 -10.18
N ARG C 132 20.54 -18.43 -10.96
CA ARG C 132 21.94 -18.03 -11.09
C ARG C 132 22.42 -17.26 -9.88
N GLU C 133 21.59 -16.34 -9.38
CA GLU C 133 21.97 -15.53 -8.21
C GLU C 133 21.87 -16.35 -6.93
N ILE C 134 20.96 -17.31 -6.93
CA ILE C 134 20.78 -18.17 -5.77
C ILE C 134 22.07 -18.95 -5.59
N ALA C 135 22.54 -19.55 -6.69
CA ALA C 135 23.75 -20.36 -6.71
C ALA C 135 24.99 -19.55 -6.39
N LEU C 136 24.90 -18.26 -6.64
CA LEU C 136 25.99 -17.32 -6.41
C LEU C 136 26.26 -16.97 -4.93
N TRP C 137 25.20 -16.75 -4.15
CA TRP C 137 25.35 -16.36 -2.75
C TRP C 137 25.28 -17.47 -1.69
N PHE C 138 24.61 -18.56 -2.01
CA PHE C 138 24.44 -19.63 -1.06
C PHE C 138 25.05 -20.94 -1.48
N LYS C 139 25.28 -21.81 -0.49
CA LYS C 139 25.81 -23.14 -0.73
C LYS C 139 24.60 -24.07 -0.61
N PRO C 140 24.63 -25.21 -1.28
CA PRO C 140 23.52 -26.18 -1.26
C PRO C 140 23.03 -26.69 0.14
N GLU C 141 23.94 -26.74 1.12
CA GLU C 141 23.58 -27.20 2.49
C GLU C 141 23.03 -26.03 3.34
N GLU C 142 22.96 -24.84 2.75
CA GLU C 142 22.46 -23.63 3.40
C GLU C 142 20.98 -23.35 3.06
N LEU C 143 20.33 -24.28 2.38
CA LEU C 143 18.95 -24.13 1.97
C LEU C 143 18.10 -25.29 2.50
N LEU C 144 16.82 -25.04 2.75
CA LEU C 144 15.89 -26.06 3.29
C LEU C 144 15.37 -27.13 2.30
N THR C 145 14.67 -28.14 2.81
CA THR C 145 14.11 -29.24 1.97
C THR C 145 12.69 -29.70 2.31
N GLU C 146 12.43 -30.15 3.53
CA GLU C 146 11.05 -30.55 3.88
C GLU C 146 10.38 -29.19 4.07
N VAL C 147 9.73 -28.69 3.02
CA VAL C 147 9.07 -27.39 3.06
C VAL C 147 7.55 -27.45 2.94
N LYS C 148 6.89 -27.07 4.02
CA LYS C 148 5.44 -27.07 4.10
C LYS C 148 4.88 -25.66 4.41
N PRO C 149 4.56 -24.87 3.36
CA PRO C 149 4.02 -23.52 3.53
C PRO C 149 2.66 -23.60 4.25
N ASN C 150 2.24 -22.53 4.92
CA ASN C 150 0.96 -22.52 5.64
C ASN C 150 -0.06 -23.27 4.80
N PRO C 151 -0.78 -24.23 5.42
CA PRO C 151 -1.79 -25.05 4.74
C PRO C 151 -3.01 -24.34 4.14
N ASN C 152 -3.11 -23.03 4.35
CA ASN C 152 -4.24 -22.28 3.85
C ASN C 152 -3.94 -21.42 2.65
N LEU C 153 -2.69 -21.39 2.22
CA LEU C 153 -2.29 -20.59 1.07
C LEU C 153 -2.57 -21.23 -0.30
N TYR C 154 -2.35 -22.55 -0.39
CA TYR C 154 -2.52 -23.30 -1.64
C TYR C 154 -3.71 -24.24 -1.61
N GLU C 155 -4.37 -24.39 -2.77
CA GLU C 155 -5.54 -25.26 -2.93
C GLU C 155 -5.18 -26.73 -3.21
MG MG D . -4.77 21.44 -5.71
PA AZD E . -8.01 19.93 -6.82
O1A AZD E . -6.85 20.83 -6.89
O2A AZD E . -8.74 19.59 -8.06
O3A AZD E . -7.50 18.55 -6.14
PB AZD E . -6.07 18.11 -5.49
O1B AZD E . -5.04 18.96 -6.13
O2B AZD E . -5.88 16.70 -5.83
O3B AZD E . -6.18 18.36 -4.01
O5' AZD E . -9.03 20.47 -5.70
C5' AZD E . -8.73 21.21 -4.48
C4' AZD E . -9.58 20.80 -3.26
O4' AZD E . -10.91 20.85 -3.69
C3' AZD E . -9.40 19.37 -2.75
N3' AZD E . -9.16 19.27 -1.25
N4' AZD E . -7.97 19.11 -0.99
N5' AZD E . -6.93 18.95 -0.64
C2' AZD E . -10.67 18.64 -3.20
C1' AZD E . -11.69 19.78 -3.22
N1 AZD E . -12.83 19.60 -4.26
C2 AZD E . -14.17 19.63 -3.79
O2 AZD E . -14.51 19.75 -2.61
N3 AZD E . -15.17 19.38 -4.77
C4 AZD E . -14.99 19.08 -6.15
O4 AZD E . -16.01 18.92 -6.85
C5 AZD E . -13.59 19.05 -6.55
C5A AZD E . -13.23 18.67 -7.97
C6 AZD E . -12.59 19.32 -5.64
PA AZD F . -14.32 -14.33 -9.74
O1A AZD F . -15.69 -13.81 -9.57
O2A AZD F . -13.70 -14.43 -11.07
O3A AZD F . -13.35 -13.44 -8.86
PB AZD F . -13.71 -12.37 -7.74
O1B AZD F . -15.06 -11.88 -8.06
O2B AZD F . -12.65 -11.38 -7.87
O3B AZD F . -13.74 -13.11 -6.44
O5' AZD F . -14.26 -15.76 -9.00
C5' AZD F . -14.99 -16.01 -7.78
C4' AZD F . -14.06 -16.75 -6.72
O4' AZD F . -13.57 -17.97 -7.34
C3' AZD F . -12.76 -15.99 -6.29
N3' AZD F . -12.54 -16.06 -4.83
N4' AZD F . -13.31 -15.40 -4.21
N5' AZD F . -13.99 -14.83 -3.55
C2' AZD F . -11.60 -16.64 -7.05
C1' AZD F . -12.10 -18.01 -7.50
N1 AZD F . -11.80 -18.32 -8.93
C2 AZD F . -10.96 -19.36 -9.25
O2 AZD F . -10.92 -20.39 -8.55
N3 AZD F . -10.49 -19.34 -10.59
C4 AZD F . -10.88 -18.48 -11.68
O4 AZD F . -10.38 -18.45 -12.82
C5 AZD F . -11.86 -17.53 -11.24
C5A AZD F . -12.65 -16.78 -12.37
C6 AZD F . -12.23 -17.45 -9.93
MG MG G . 18.49 -6.33 -10.99
PA AZD H . 18.82 -2.55 -12.16
O1A AZD H . 19.18 -3.98 -12.29
O2A AZD H . 18.45 -1.74 -13.34
O3A AZD H . 17.61 -2.36 -11.06
PB AZD H . 16.55 -3.37 -10.32
O1B AZD H . 16.51 -4.62 -11.06
O2B AZD H . 15.22 -2.73 -10.48
O3B AZD H . 17.12 -3.65 -8.96
O5' AZD H . 20.07 -1.89 -11.40
C5' AZD H . 20.64 -2.76 -10.35
C4' AZD H . 21.04 -2.05 -9.05
O4' AZD H . 21.64 -0.97 -9.75
C3' AZD H . 19.93 -1.44 -8.18
N3' AZD H . 20.09 -1.69 -6.68
N4' AZD H . 19.28 -2.51 -6.25
N5' AZD H . 18.61 -3.36 -6.04
C2' AZD H . 19.85 0.02 -8.58
C1' AZD H . 21.20 0.31 -9.30
N1 AZD H . 21.29 1.29 -10.48
C2 AZD H . 21.79 2.59 -10.24
O2 AZD H . 22.40 2.95 -9.22
N3 AZD H . 21.54 3.55 -11.21
C4 AZD H . 20.88 3.30 -12.36
O4 AZD H . 20.69 4.23 -13.11
C5 AZD H . 20.44 1.98 -12.58
C5A AZD H . 19.85 1.61 -13.93
C6 AZD H . 20.65 1.05 -11.65
#